data_2KRN
#
_entry.id   2KRN
#
_entity_poly.entity_id   1
_entity_poly.type   'polypeptide(L)'
_entity_poly.pdbx_seq_one_letter_code
;GSMGRQCKVLFDYSPQNEDELELIVGDVIDVIEEVEEGWWSGTLNNKLGLFPSNFVKELE
;
_entity_poly.pdbx_strand_id   A
#
# COMPACT_ATOMS: atom_id res chain seq x y z
N GLY A 1 -6.15 -13.59 -5.80
CA GLY A 1 -5.92 -14.05 -7.16
C GLY A 1 -6.27 -13.00 -8.18
N SER A 2 -5.81 -11.79 -7.96
CA SER A 2 -6.12 -10.71 -8.86
C SER A 2 -4.96 -10.42 -9.81
N MET A 3 -3.81 -11.11 -9.59
CA MET A 3 -2.58 -10.90 -10.37
C MET A 3 -2.14 -9.45 -10.16
N GLY A 4 -2.31 -9.00 -8.92
CA GLY A 4 -2.07 -7.63 -8.54
C GLY A 4 -0.69 -7.15 -8.81
N ARG A 5 -0.60 -5.93 -9.24
CA ARG A 5 0.64 -5.30 -9.53
C ARG A 5 1.02 -4.38 -8.42
N GLN A 6 2.29 -4.07 -8.34
CA GLN A 6 2.82 -3.23 -7.29
C GLN A 6 2.33 -1.81 -7.45
N CYS A 7 2.05 -1.20 -6.34
CA CYS A 7 1.52 0.12 -6.33
C CYS A 7 2.54 1.09 -5.79
N LYS A 8 2.74 2.16 -6.49
CA LYS A 8 3.70 3.15 -6.09
C LYS A 8 2.99 4.17 -5.23
N VAL A 9 3.71 4.71 -4.30
CA VAL A 9 3.15 5.66 -3.38
C VAL A 9 3.26 7.03 -3.97
N LEU A 10 2.14 7.62 -4.25
CA LEU A 10 2.10 8.91 -4.88
C LEU A 10 1.82 10.02 -3.88
N PHE A 11 1.02 9.72 -2.87
CA PHE A 11 0.60 10.73 -1.92
C PHE A 11 1.00 10.35 -0.50
N ASP A 12 1.03 11.34 0.37
CA ASP A 12 1.50 11.18 1.75
C ASP A 12 0.41 10.62 2.62
N TYR A 13 0.71 9.60 3.38
CA TYR A 13 -0.25 9.06 4.30
C TYR A 13 0.36 8.90 5.65
N SER A 14 -0.13 9.68 6.55
CA SER A 14 0.22 9.59 7.91
C SER A 14 -0.81 8.69 8.57
N PRO A 15 -0.43 7.48 8.90
CA PRO A 15 -1.33 6.47 9.43
C PRO A 15 -1.94 6.83 10.78
N GLN A 16 -3.11 6.34 10.98
CA GLN A 16 -3.89 6.56 12.18
C GLN A 16 -3.53 5.49 13.18
N ASN A 17 -3.17 4.36 12.64
CA ASN A 17 -2.78 3.20 13.40
C ASN A 17 -1.48 2.74 12.83
N GLU A 18 -0.70 2.03 13.59
CA GLU A 18 0.60 1.55 13.11
C GLU A 18 0.42 0.28 12.26
N ASP A 19 -0.81 -0.21 12.26
CA ASP A 19 -1.22 -1.33 11.42
C ASP A 19 -1.34 -0.86 10.00
N GLU A 20 -1.50 0.43 9.86
CA GLU A 20 -1.56 1.07 8.59
C GLU A 20 -0.13 1.33 8.17
N LEU A 21 0.20 0.87 7.00
CA LEU A 21 1.54 0.94 6.49
C LEU A 21 1.89 2.38 6.15
N GLU A 22 3.05 2.82 6.59
CA GLU A 22 3.52 4.16 6.32
C GLU A 22 3.87 4.33 4.88
N LEU A 23 3.11 5.16 4.26
CA LEU A 23 3.24 5.41 2.86
C LEU A 23 4.26 6.50 2.63
N ILE A 24 5.42 6.08 2.18
CA ILE A 24 6.49 6.98 1.88
C ILE A 24 6.43 7.34 0.40
N VAL A 25 6.29 8.60 0.12
CA VAL A 25 6.09 9.10 -1.24
C VAL A 25 7.29 8.82 -2.11
N GLY A 26 7.05 8.09 -3.18
CA GLY A 26 8.10 7.78 -4.10
C GLY A 26 8.41 6.33 -4.15
N ASP A 27 8.19 5.64 -3.05
CA ASP A 27 8.57 4.25 -3.00
C ASP A 27 7.44 3.38 -3.56
N VAL A 28 7.68 2.11 -3.66
CA VAL A 28 6.73 1.19 -4.23
C VAL A 28 6.41 0.09 -3.23
N ILE A 29 5.16 -0.26 -3.12
CA ILE A 29 4.76 -1.26 -2.19
C ILE A 29 4.35 -2.51 -2.94
N ASP A 30 4.89 -3.61 -2.50
CA ASP A 30 4.55 -4.89 -3.05
C ASP A 30 3.32 -5.41 -2.33
N VAL A 31 2.23 -5.38 -3.03
CA VAL A 31 0.96 -5.80 -2.49
C VAL A 31 0.76 -7.29 -2.72
N ILE A 32 0.13 -7.94 -1.77
CA ILE A 32 -0.16 -9.34 -1.90
C ILE A 32 -1.50 -9.47 -2.64
N GLU A 33 -2.50 -8.89 -2.04
CA GLU A 33 -3.84 -8.94 -2.55
C GLU A 33 -4.61 -7.85 -1.81
N GLU A 34 -5.69 -7.37 -2.38
CA GLU A 34 -6.49 -6.41 -1.71
C GLU A 34 -7.54 -7.12 -0.88
N VAL A 35 -7.80 -6.64 0.30
CA VAL A 35 -8.73 -7.32 1.18
C VAL A 35 -10.06 -6.61 1.30
N GLU A 36 -10.04 -5.30 1.47
CA GLU A 36 -11.28 -4.55 1.62
C GLU A 36 -11.23 -3.25 0.84
N GLU A 37 -11.26 -3.37 -0.50
CA GLU A 37 -11.31 -2.24 -1.48
C GLU A 37 -10.21 -1.19 -1.25
N GLY A 38 -10.43 -0.32 -0.28
CA GLY A 38 -9.51 0.70 0.06
C GLY A 38 -8.31 0.14 0.73
N TRP A 39 -8.51 -0.78 1.63
CA TRP A 39 -7.42 -1.34 2.38
C TRP A 39 -6.81 -2.55 1.69
N TRP A 40 -5.59 -2.35 1.25
CA TRP A 40 -4.79 -3.38 0.63
C TRP A 40 -3.80 -3.90 1.64
N SER A 41 -3.23 -5.04 1.35
CA SER A 41 -2.25 -5.63 2.24
C SER A 41 -0.95 -5.90 1.50
N GLY A 42 0.11 -5.30 1.96
CA GLY A 42 1.39 -5.45 1.34
C GLY A 42 2.46 -5.08 2.29
N THR A 43 3.69 -5.20 1.87
CA THR A 43 4.78 -4.90 2.74
C THR A 43 5.75 -3.95 2.07
N LEU A 44 6.22 -3.01 2.83
CA LEU A 44 7.22 -2.09 2.39
C LEU A 44 8.48 -2.40 3.16
N ASN A 45 9.38 -3.10 2.48
CA ASN A 45 10.69 -3.48 3.00
C ASN A 45 10.61 -4.51 4.13
N ASN A 46 10.29 -4.07 5.32
CA ASN A 46 10.25 -4.99 6.45
C ASN A 46 8.97 -4.84 7.26
N LYS A 47 8.16 -3.86 6.94
CA LYS A 47 6.90 -3.69 7.61
C LYS A 47 5.74 -4.09 6.71
N LEU A 48 4.94 -4.98 7.21
CA LEU A 48 3.74 -5.45 6.57
C LEU A 48 2.58 -4.66 7.17
N GLY A 49 1.67 -4.20 6.34
CA GLY A 49 0.58 -3.45 6.88
C GLY A 49 -0.53 -3.25 5.91
N LEU A 50 -1.54 -2.54 6.36
CA LEU A 50 -2.70 -2.22 5.57
C LEU A 50 -2.54 -0.82 5.05
N PHE A 51 -2.87 -0.60 3.82
CA PHE A 51 -2.73 0.71 3.25
C PHE A 51 -3.90 1.03 2.34
N PRO A 52 -4.37 2.29 2.35
CA PRO A 52 -5.47 2.72 1.51
C PRO A 52 -5.02 3.00 0.07
N SER A 53 -5.72 2.41 -0.88
CA SER A 53 -5.47 2.50 -2.31
C SER A 53 -5.84 3.86 -2.91
N ASN A 54 -5.91 4.86 -2.07
CA ASN A 54 -6.18 6.22 -2.49
C ASN A 54 -4.86 6.91 -2.79
N PHE A 55 -3.90 6.68 -1.92
CA PHE A 55 -2.62 7.36 -1.98
C PHE A 55 -1.63 6.57 -2.84
N VAL A 56 -1.99 5.35 -3.15
CA VAL A 56 -1.17 4.49 -3.96
C VAL A 56 -1.96 4.07 -5.19
N LYS A 57 -1.31 4.02 -6.31
CA LYS A 57 -1.95 3.57 -7.53
C LYS A 57 -1.22 2.37 -8.11
N GLU A 58 -1.97 1.45 -8.64
CA GLU A 58 -1.41 0.33 -9.35
C GLU A 58 -1.18 0.81 -10.78
N LEU A 59 -0.12 1.56 -10.97
CA LEU A 59 0.14 2.18 -12.27
C LEU A 59 1.39 1.63 -12.90
N GLU A 60 1.93 0.65 -12.29
CA GLU A 60 3.11 0.03 -12.76
C GLU A 60 2.78 -1.39 -13.13
N GLY A 1 -4.48 -13.79 -14.03
CA GLY A 1 -3.42 -13.70 -13.04
C GLY A 1 -2.47 -12.58 -13.31
N SER A 2 -2.72 -11.46 -12.70
CA SER A 2 -1.89 -10.30 -12.82
C SER A 2 -0.59 -10.56 -12.06
N MET A 3 0.54 -10.49 -12.75
CA MET A 3 1.82 -10.81 -12.15
C MET A 3 2.33 -9.67 -11.27
N GLY A 4 1.65 -8.55 -11.33
CA GLY A 4 2.02 -7.43 -10.53
C GLY A 4 0.88 -6.94 -9.69
N ARG A 5 1.07 -6.93 -8.39
CA ARG A 5 0.07 -6.38 -7.47
C ARG A 5 0.66 -5.16 -6.79
N GLN A 6 1.89 -4.85 -7.14
CA GLN A 6 2.63 -3.81 -6.50
C GLN A 6 2.15 -2.44 -6.90
N CYS A 7 2.01 -1.58 -5.94
CA CYS A 7 1.52 -0.27 -6.17
C CYS A 7 2.62 0.74 -5.95
N LYS A 8 2.53 1.85 -6.62
CA LYS A 8 3.48 2.90 -6.47
C LYS A 8 2.84 3.91 -5.57
N VAL A 9 3.62 4.53 -4.76
CA VAL A 9 3.10 5.48 -3.81
C VAL A 9 3.22 6.87 -4.40
N LEU A 10 2.11 7.45 -4.74
CA LEU A 10 2.10 8.77 -5.36
C LEU A 10 1.95 9.85 -4.30
N PHE A 11 1.14 9.57 -3.32
CA PHE A 11 0.90 10.49 -2.24
C PHE A 11 1.11 9.76 -0.95
N ASP A 12 1.41 10.47 0.09
CA ASP A 12 1.74 9.81 1.34
C ASP A 12 0.55 9.79 2.26
N TYR A 13 0.62 8.95 3.22
CA TYR A 13 -0.36 8.78 4.22
C TYR A 13 0.33 8.63 5.53
N SER A 14 -0.02 9.48 6.45
CA SER A 14 0.47 9.40 7.77
C SER A 14 -0.53 8.56 8.54
N PRO A 15 -0.16 7.32 8.83
CA PRO A 15 -1.04 6.35 9.46
C PRO A 15 -1.51 6.82 10.83
N GLN A 16 -2.75 6.54 11.11
CA GLN A 16 -3.36 6.93 12.35
C GLN A 16 -2.80 6.07 13.47
N ASN A 17 -2.56 4.81 13.15
CA ASN A 17 -1.97 3.86 14.05
C ASN A 17 -0.84 3.22 13.29
N GLU A 18 0.09 2.60 13.96
CA GLU A 18 1.24 2.01 13.26
C GLU A 18 0.94 0.65 12.63
N ASP A 19 -0.31 0.23 12.71
CA ASP A 19 -0.75 -0.98 12.05
C ASP A 19 -1.02 -0.67 10.60
N GLU A 20 -1.18 0.60 10.33
CA GLU A 20 -1.33 1.07 9.01
C GLU A 20 0.06 1.30 8.44
N LEU A 21 0.24 0.93 7.21
CA LEU A 21 1.51 1.05 6.57
C LEU A 21 1.81 2.50 6.20
N GLU A 22 2.99 2.95 6.59
CA GLU A 22 3.47 4.26 6.27
C GLU A 22 3.71 4.38 4.81
N LEU A 23 2.86 5.12 4.21
CA LEU A 23 2.94 5.37 2.80
C LEU A 23 3.91 6.50 2.58
N ILE A 24 5.02 6.19 1.96
CA ILE A 24 6.08 7.14 1.68
C ILE A 24 6.14 7.36 0.17
N VAL A 25 6.08 8.62 -0.25
CA VAL A 25 6.05 8.98 -1.67
C VAL A 25 7.31 8.50 -2.38
N GLY A 26 7.12 7.80 -3.46
CA GLY A 26 8.24 7.40 -4.25
C GLY A 26 8.44 5.92 -4.31
N ASP A 27 8.25 5.23 -3.23
CA ASP A 27 8.60 3.82 -3.18
C ASP A 27 7.45 2.92 -3.70
N VAL A 28 7.71 1.63 -3.76
CA VAL A 28 6.78 0.63 -4.27
C VAL A 28 6.36 -0.28 -3.12
N ILE A 29 5.10 -0.65 -3.09
CA ILE A 29 4.58 -1.54 -2.06
C ILE A 29 4.20 -2.87 -2.67
N ASP A 30 4.64 -3.94 -2.06
CA ASP A 30 4.24 -5.27 -2.48
C ASP A 30 2.93 -5.59 -1.81
N VAL A 31 1.89 -5.58 -2.57
CA VAL A 31 0.56 -5.76 -2.04
C VAL A 31 0.16 -7.21 -2.11
N ILE A 32 -0.50 -7.68 -1.07
CA ILE A 32 -1.02 -9.01 -1.04
C ILE A 32 -2.31 -9.02 -1.84
N GLU A 33 -3.29 -8.28 -1.32
CA GLU A 33 -4.59 -8.16 -1.91
C GLU A 33 -5.37 -7.11 -1.12
N GLU A 34 -6.52 -6.71 -1.63
CA GLU A 34 -7.40 -5.81 -0.93
C GLU A 34 -8.17 -6.57 0.14
N VAL A 35 -8.14 -6.09 1.36
CA VAL A 35 -8.79 -6.80 2.47
C VAL A 35 -10.15 -6.18 2.80
N GLU A 36 -10.25 -4.90 2.59
CA GLU A 36 -11.48 -4.16 2.78
C GLU A 36 -11.60 -3.21 1.63
N GLU A 37 -12.74 -2.61 1.48
CA GLU A 37 -12.96 -1.69 0.38
C GLU A 37 -12.24 -0.38 0.65
N GLY A 38 -11.03 -0.31 0.16
CA GLY A 38 -10.22 0.86 0.33
C GLY A 38 -8.98 0.58 1.13
N TRP A 39 -8.93 -0.59 1.76
CA TRP A 39 -7.77 -0.97 2.57
C TRP A 39 -7.13 -2.20 1.99
N TRP A 40 -5.92 -2.04 1.58
CA TRP A 40 -5.14 -3.10 1.04
C TRP A 40 -4.12 -3.53 2.07
N SER A 41 -3.66 -4.74 1.99
CA SER A 41 -2.68 -5.20 2.91
C SER A 41 -1.44 -5.59 2.14
N GLY A 42 -0.30 -5.25 2.67
CA GLY A 42 0.92 -5.57 2.03
C GLY A 42 2.06 -5.05 2.82
N THR A 43 3.22 -5.13 2.26
CA THR A 43 4.41 -4.69 2.90
C THR A 43 5.17 -3.82 1.93
N LEU A 44 5.83 -2.83 2.46
CA LEU A 44 6.67 -2.00 1.64
C LEU A 44 7.80 -2.90 1.16
N ASN A 45 8.56 -3.39 2.11
CA ASN A 45 9.62 -4.40 1.95
C ASN A 45 10.14 -4.74 3.33
N ASN A 46 9.30 -4.49 4.32
CA ASN A 46 9.71 -4.55 5.73
C ASN A 46 8.48 -4.40 6.61
N LYS A 47 7.86 -3.24 6.60
CA LYS A 47 6.66 -3.01 7.35
C LYS A 47 5.46 -3.52 6.58
N LEU A 48 4.77 -4.46 7.17
CA LEU A 48 3.58 -5.04 6.59
C LEU A 48 2.40 -4.54 7.42
N GLY A 49 1.36 -4.10 6.76
CA GLY A 49 0.20 -3.63 7.48
C GLY A 49 -0.96 -3.40 6.56
N LEU A 50 -1.83 -2.50 6.96
CA LEU A 50 -3.00 -2.13 6.18
C LEU A 50 -2.82 -0.72 5.69
N PHE A 51 -3.28 -0.41 4.52
CA PHE A 51 -3.14 0.93 3.99
C PHE A 51 -4.27 1.29 3.06
N PRO A 52 -4.70 2.56 3.05
CA PRO A 52 -5.74 3.01 2.15
C PRO A 52 -5.19 3.13 0.72
N SER A 53 -5.89 2.57 -0.21
CA SER A 53 -5.48 2.52 -1.61
C SER A 53 -5.71 3.84 -2.36
N ASN A 54 -5.92 4.90 -1.63
CA ASN A 54 -6.21 6.19 -2.23
C ASN A 54 -4.92 6.77 -2.79
N PHE A 55 -3.89 6.70 -1.99
CA PHE A 55 -2.63 7.36 -2.27
C PHE A 55 -1.69 6.50 -3.13
N VAL A 56 -2.09 5.27 -3.36
CA VAL A 56 -1.27 4.32 -4.08
C VAL A 56 -1.99 3.79 -5.31
N LYS A 57 -1.25 3.60 -6.38
CA LYS A 57 -1.81 3.09 -7.64
C LYS A 57 -1.11 1.82 -8.06
N GLU A 58 -1.89 0.79 -8.35
CA GLU A 58 -1.41 -0.51 -8.78
C GLU A 58 -0.91 -0.44 -10.21
N LEU A 59 0.41 -0.53 -10.38
CA LEU A 59 1.09 -0.44 -11.69
C LEU A 59 0.87 0.93 -12.34
N GLU A 60 1.31 1.06 -13.57
CA GLU A 60 1.16 2.29 -14.29
C GLU A 60 0.41 2.02 -15.57
N GLY A 1 -1.32 -14.43 -7.21
CA GLY A 1 -1.55 -14.36 -8.65
C GLY A 1 -0.34 -14.82 -9.41
N SER A 2 -0.19 -14.42 -10.65
CA SER A 2 0.97 -14.78 -11.42
C SER A 2 1.97 -13.63 -11.43
N MET A 3 1.45 -12.43 -11.31
CA MET A 3 2.24 -11.24 -11.33
C MET A 3 1.96 -10.44 -10.08
N GLY A 4 2.99 -9.89 -9.52
CA GLY A 4 2.84 -9.07 -8.34
C GLY A 4 2.33 -7.70 -8.70
N ARG A 5 1.05 -7.48 -8.48
CA ARG A 5 0.44 -6.21 -8.74
C ARG A 5 0.80 -5.23 -7.65
N GLN A 6 1.33 -4.09 -8.03
CA GLN A 6 1.90 -3.16 -7.07
C GLN A 6 1.26 -1.80 -7.16
N CYS A 7 1.56 -0.95 -6.21
CA CYS A 7 1.03 0.38 -6.19
C CYS A 7 2.07 1.35 -5.64
N LYS A 8 2.21 2.49 -6.28
CA LYS A 8 3.16 3.50 -5.86
C LYS A 8 2.44 4.58 -5.10
N VAL A 9 3.11 5.15 -4.17
CA VAL A 9 2.56 6.14 -3.28
C VAL A 9 2.60 7.53 -3.91
N LEU A 10 1.45 8.14 -4.03
CA LEU A 10 1.29 9.45 -4.60
C LEU A 10 1.27 10.50 -3.50
N PHE A 11 0.46 10.26 -2.49
CA PHE A 11 0.30 11.23 -1.44
C PHE A 11 0.73 10.67 -0.12
N ASP A 12 1.27 11.52 0.71
CA ASP A 12 1.78 11.13 2.00
C ASP A 12 0.68 10.92 2.98
N TYR A 13 0.81 9.89 3.75
CA TYR A 13 -0.18 9.54 4.73
C TYR A 13 0.36 9.70 6.13
N SER A 14 1.43 8.97 6.44
CA SER A 14 1.95 8.84 7.80
C SER A 14 0.89 8.14 8.66
N PRO A 15 1.06 6.83 8.91
CA PRO A 15 0.06 6.02 9.63
C PRO A 15 -0.19 6.50 11.05
N GLN A 16 -1.31 6.15 11.60
CA GLN A 16 -1.67 6.56 12.94
C GLN A 16 -1.23 5.51 13.92
N ASN A 17 -1.39 4.27 13.53
CA ASN A 17 -0.99 3.13 14.35
C ASN A 17 0.12 2.40 13.64
N GLU A 18 0.51 1.27 14.20
CA GLU A 18 1.54 0.43 13.64
C GLU A 18 0.92 -0.49 12.59
N ASP A 19 -0.40 -0.55 12.61
CA ASP A 19 -1.19 -1.40 11.73
C ASP A 19 -1.19 -0.90 10.30
N GLU A 20 -1.35 0.40 10.14
CA GLU A 20 -1.33 0.99 8.82
C GLU A 20 0.09 1.00 8.28
N LEU A 21 0.20 0.86 6.98
CA LEU A 21 1.48 0.81 6.34
C LEU A 21 2.02 2.21 6.12
N GLU A 22 3.33 2.31 6.18
CA GLU A 22 4.03 3.56 5.97
C GLU A 22 3.98 3.95 4.53
N LEU A 23 3.24 4.98 4.29
CA LEU A 23 3.11 5.53 2.94
C LEU A 23 3.95 6.77 2.84
N ILE A 24 5.01 6.70 2.09
CA ILE A 24 5.90 7.81 1.87
C ILE A 24 5.88 8.12 0.39
N VAL A 25 5.78 9.40 0.06
CA VAL A 25 5.75 9.84 -1.32
C VAL A 25 6.93 9.27 -2.14
N GLY A 26 6.61 8.66 -3.26
CA GLY A 26 7.62 8.19 -4.16
C GLY A 26 8.01 6.75 -3.95
N ASP A 27 7.48 6.11 -2.95
CA ASP A 27 7.84 4.72 -2.70
C ASP A 27 6.82 3.79 -3.34
N VAL A 28 7.12 2.50 -3.39
CA VAL A 28 6.27 1.54 -4.03
C VAL A 28 5.95 0.37 -3.08
N ILE A 29 4.72 -0.08 -3.14
CA ILE A 29 4.23 -1.13 -2.29
C ILE A 29 3.85 -2.33 -3.16
N ASP A 30 4.18 -3.50 -2.70
CA ASP A 30 3.76 -4.70 -3.38
C ASP A 30 2.49 -5.13 -2.69
N VAL A 31 1.37 -4.70 -3.21
CA VAL A 31 0.11 -4.98 -2.61
C VAL A 31 -0.31 -6.41 -2.90
N ILE A 32 -0.38 -7.19 -1.86
CA ILE A 32 -0.68 -8.58 -1.97
C ILE A 32 -2.11 -8.78 -2.34
N GLU A 33 -3.00 -8.25 -1.52
CA GLU A 33 -4.41 -8.35 -1.78
C GLU A 33 -5.18 -7.23 -1.11
N GLU A 34 -6.45 -7.24 -1.27
CA GLU A 34 -7.29 -6.19 -0.77
C GLU A 34 -8.44 -6.74 0.06
N VAL A 35 -8.46 -6.36 1.32
CA VAL A 35 -9.53 -6.78 2.23
C VAL A 35 -10.68 -5.78 2.20
N GLU A 36 -10.37 -4.57 1.82
CA GLU A 36 -11.34 -3.53 1.69
C GLU A 36 -11.14 -2.81 0.38
N GLU A 37 -12.07 -1.97 0.04
CA GLU A 37 -11.97 -1.18 -1.16
C GLU A 37 -11.02 -0.03 -0.90
N GLY A 38 -11.21 0.60 0.24
CA GLY A 38 -10.42 1.74 0.61
C GLY A 38 -9.13 1.35 1.26
N TRP A 39 -9.13 0.21 1.91
CA TRP A 39 -7.96 -0.24 2.62
C TRP A 39 -7.40 -1.52 2.02
N TRP A 40 -6.19 -1.42 1.53
CA TRP A 40 -5.50 -2.53 0.92
C TRP A 40 -4.44 -3.05 1.85
N SER A 41 -4.15 -4.31 1.74
CA SER A 41 -3.14 -4.94 2.52
C SER A 41 -1.92 -5.30 1.66
N GLY A 42 -0.88 -4.51 1.81
CA GLY A 42 0.29 -4.70 1.01
C GLY A 42 1.54 -4.61 1.81
N THR A 43 2.63 -5.01 1.25
CA THR A 43 3.88 -4.97 1.92
C THR A 43 4.80 -3.98 1.24
N LEU A 44 5.41 -3.12 2.02
CA LEU A 44 6.30 -2.12 1.47
C LEU A 44 7.60 -2.80 1.10
N ASN A 45 8.25 -3.33 2.09
CA ASN A 45 9.39 -4.17 1.89
C ASN A 45 9.06 -5.52 2.50
N ASN A 46 9.04 -5.58 3.81
CA ASN A 46 8.65 -6.81 4.49
C ASN A 46 7.50 -6.58 5.43
N LYS A 47 7.21 -5.35 5.70
CA LYS A 47 6.13 -5.01 6.59
C LYS A 47 4.83 -5.01 5.82
N LEU A 48 3.95 -5.90 6.18
CA LEU A 48 2.64 -5.96 5.62
C LEU A 48 1.77 -5.02 6.43
N GLY A 49 1.15 -4.10 5.77
CA GLY A 49 0.32 -3.16 6.47
C GLY A 49 -0.89 -2.82 5.69
N LEU A 50 -1.82 -2.20 6.35
CA LEU A 50 -3.06 -1.82 5.74
C LEU A 50 -2.92 -0.35 5.34
N PHE A 51 -3.38 0.02 4.19
CA PHE A 51 -3.21 1.38 3.73
C PHE A 51 -4.37 1.83 2.86
N PRO A 52 -4.67 3.14 2.87
CA PRO A 52 -5.70 3.72 2.03
C PRO A 52 -5.27 3.76 0.55
N SER A 53 -6.06 3.14 -0.28
CA SER A 53 -5.79 3.02 -1.71
C SER A 53 -5.92 4.36 -2.47
N ASN A 54 -6.46 5.35 -1.81
CA ASN A 54 -6.65 6.68 -2.41
C ASN A 54 -5.34 7.46 -2.51
N PHE A 55 -4.33 7.04 -1.79
CA PHE A 55 -3.06 7.74 -1.84
C PHE A 55 -2.04 7.05 -2.72
N VAL A 56 -2.45 6.00 -3.41
CA VAL A 56 -1.55 5.23 -4.25
C VAL A 56 -2.18 5.02 -5.63
N LYS A 57 -1.39 4.56 -6.59
CA LYS A 57 -1.93 4.13 -7.85
C LYS A 57 -1.27 2.83 -8.22
N GLU A 58 -2.00 1.97 -8.87
CA GLU A 58 -1.51 0.65 -9.19
C GLU A 58 -0.71 0.64 -10.50
N LEU A 59 0.31 -0.20 -10.52
CA LEU A 59 1.13 -0.40 -11.69
C LEU A 59 1.52 -1.87 -11.76
N GLU A 60 2.07 -2.27 -12.87
CA GLU A 60 2.50 -3.60 -13.08
C GLU A 60 3.85 -3.56 -13.81
N GLY A 1 -8.03 -12.79 -11.72
CA GLY A 1 -7.52 -11.50 -11.27
C GLY A 1 -7.00 -10.72 -12.42
N SER A 2 -6.53 -9.55 -12.15
CA SER A 2 -5.98 -8.70 -13.15
C SER A 2 -4.50 -8.51 -12.90
N MET A 3 -3.81 -7.88 -13.83
CA MET A 3 -2.40 -7.64 -13.68
C MET A 3 -2.17 -6.38 -12.86
N GLY A 4 -1.95 -6.58 -11.60
CA GLY A 4 -1.68 -5.50 -10.73
C GLY A 4 -0.37 -5.74 -10.06
N ARG A 5 0.62 -4.99 -10.45
CA ARG A 5 1.92 -5.14 -9.88
C ARG A 5 2.09 -4.27 -8.66
N GLN A 6 3.29 -4.35 -8.08
CA GLN A 6 3.66 -3.63 -6.87
C GLN A 6 3.33 -2.17 -7.05
N CYS A 7 2.56 -1.67 -6.15
CA CYS A 7 2.04 -0.36 -6.26
C CYS A 7 3.02 0.69 -5.79
N LYS A 8 3.19 1.70 -6.59
CA LYS A 8 4.00 2.83 -6.25
C LYS A 8 3.14 3.80 -5.52
N VAL A 9 3.69 4.46 -4.58
CA VAL A 9 2.94 5.40 -3.77
C VAL A 9 2.69 6.71 -4.53
N LEU A 10 1.50 7.29 -4.34
CA LEU A 10 1.10 8.56 -4.94
C LEU A 10 1.23 9.70 -3.94
N PHE A 11 0.59 9.54 -2.79
CA PHE A 11 0.55 10.58 -1.79
C PHE A 11 0.98 10.04 -0.46
N ASP A 12 1.29 10.92 0.46
CA ASP A 12 1.75 10.55 1.78
C ASP A 12 0.60 10.10 2.64
N TYR A 13 0.89 9.22 3.54
CA TYR A 13 -0.04 8.76 4.52
C TYR A 13 0.71 8.45 5.78
N SER A 14 0.43 9.22 6.77
CA SER A 14 0.97 9.04 8.06
C SER A 14 -0.14 8.43 8.88
N PRO A 15 -0.01 7.15 9.22
CA PRO A 15 -1.02 6.41 9.95
C PRO A 15 -1.26 6.98 11.34
N GLN A 16 -2.34 6.59 11.92
CA GLN A 16 -2.72 7.09 13.20
C GLN A 16 -2.20 6.16 14.25
N ASN A 17 -2.35 4.89 14.00
CA ASN A 17 -1.86 3.88 14.89
C ASN A 17 -0.66 3.23 14.25
N GLU A 18 -0.14 2.19 14.84
CA GLU A 18 1.00 1.50 14.25
C GLU A 18 0.53 0.26 13.49
N ASP A 19 -0.76 0.22 13.22
CA ASP A 19 -1.38 -0.92 12.59
C ASP A 19 -1.41 -0.76 11.09
N GLU A 20 -1.63 0.45 10.65
CA GLU A 20 -1.66 0.73 9.25
C GLU A 20 -0.23 0.86 8.73
N LEU A 21 -0.11 0.94 7.45
CA LEU A 21 1.18 1.06 6.82
C LEU A 21 1.35 2.49 6.31
N GLU A 22 2.55 3.03 6.46
CA GLU A 22 2.84 4.36 5.99
C GLU A 22 2.94 4.39 4.48
N LEU A 23 2.89 5.58 3.97
CA LEU A 23 3.01 5.80 2.55
C LEU A 23 3.98 6.93 2.31
N ILE A 24 4.98 6.65 1.52
CA ILE A 24 6.00 7.62 1.21
C ILE A 24 6.06 7.76 -0.31
N VAL A 25 5.89 8.96 -0.79
CA VAL A 25 5.80 9.23 -2.21
C VAL A 25 7.07 8.84 -2.92
N GLY A 26 6.96 7.89 -3.81
CA GLY A 26 8.09 7.45 -4.56
C GLY A 26 8.53 6.07 -4.19
N ASP A 27 7.98 5.50 -3.15
CA ASP A 27 8.39 4.17 -2.78
C ASP A 27 7.44 3.13 -3.39
N VAL A 28 7.72 1.86 -3.18
CA VAL A 28 6.99 0.77 -3.79
C VAL A 28 6.57 -0.23 -2.70
N ILE A 29 5.34 -0.65 -2.75
CA ILE A 29 4.83 -1.57 -1.75
C ILE A 29 4.53 -2.91 -2.41
N ASP A 30 4.94 -3.97 -1.75
CA ASP A 30 4.60 -5.31 -2.19
C ASP A 30 3.19 -5.60 -1.77
N VAL A 31 2.26 -5.38 -2.64
CA VAL A 31 0.90 -5.67 -2.35
C VAL A 31 0.66 -7.15 -2.55
N ILE A 32 0.56 -7.84 -1.44
CA ILE A 32 0.38 -9.27 -1.46
C ILE A 32 -1.08 -9.58 -1.69
N GLU A 33 -1.92 -9.10 -0.81
CA GLU A 33 -3.34 -9.35 -0.86
C GLU A 33 -4.11 -8.09 -0.53
N GLU A 34 -5.38 -8.14 -0.77
CA GLU A 34 -6.27 -7.06 -0.46
C GLU A 34 -7.24 -7.53 0.59
N VAL A 35 -7.51 -6.72 1.56
CA VAL A 35 -8.46 -7.09 2.60
C VAL A 35 -9.77 -6.36 2.40
N GLU A 36 -9.68 -5.23 1.77
CA GLU A 36 -10.80 -4.42 1.46
C GLU A 36 -10.60 -3.91 0.06
N GLU A 37 -11.56 -3.18 -0.42
CA GLU A 37 -11.47 -2.60 -1.73
C GLU A 37 -10.71 -1.28 -1.65
N GLY A 38 -10.59 -0.74 -0.47
CA GLY A 38 -9.86 0.48 -0.28
C GLY A 38 -8.63 0.30 0.59
N TRP A 39 -8.41 -0.91 1.06
CA TRP A 39 -7.27 -1.19 1.93
C TRP A 39 -6.61 -2.49 1.53
N TRP A 40 -5.32 -2.39 1.28
CA TRP A 40 -4.53 -3.53 0.86
C TRP A 40 -3.51 -3.91 1.92
N SER A 41 -3.06 -5.14 1.86
CA SER A 41 -2.06 -5.65 2.77
C SER A 41 -0.73 -5.74 2.05
N GLY A 42 0.20 -4.91 2.45
CA GLY A 42 1.48 -4.91 1.83
C GLY A 42 2.55 -4.52 2.79
N THR A 43 3.76 -4.78 2.41
CA THR A 43 4.88 -4.42 3.22
C THR A 43 5.66 -3.28 2.55
N LEU A 44 5.93 -2.24 3.30
CA LEU A 44 6.65 -1.09 2.78
C LEU A 44 8.14 -1.28 3.01
N ASN A 45 8.57 -1.10 4.23
CA ASN A 45 9.99 -1.22 4.52
C ASN A 45 10.28 -2.44 5.35
N ASN A 46 9.28 -2.95 6.02
CA ASN A 46 9.47 -4.10 6.91
C ASN A 46 8.12 -4.71 7.30
N LYS A 47 7.17 -3.88 7.62
CA LYS A 47 5.90 -4.34 8.12
C LYS A 47 4.86 -4.53 7.07
N LEU A 48 4.12 -5.59 7.24
CA LEU A 48 2.99 -5.92 6.41
C LEU A 48 1.77 -5.28 7.05
N GLY A 49 1.35 -4.19 6.51
CA GLY A 49 0.26 -3.47 7.10
C GLY A 49 -0.78 -3.12 6.08
N LEU A 50 -1.83 -2.51 6.54
CA LEU A 50 -2.91 -2.09 5.68
C LEU A 50 -2.68 -0.67 5.25
N PHE A 51 -2.74 -0.46 3.98
CA PHE A 51 -2.54 0.85 3.42
C PHE A 51 -3.71 1.20 2.53
N PRO A 52 -4.08 2.49 2.49
CA PRO A 52 -5.15 2.96 1.64
C PRO A 52 -4.74 2.98 0.17
N SER A 53 -5.39 2.13 -0.59
CA SER A 53 -5.13 1.90 -1.99
C SER A 53 -5.28 3.16 -2.86
N ASN A 54 -6.08 4.11 -2.39
CA ASN A 54 -6.35 5.33 -3.15
C ASN A 54 -5.11 6.22 -3.25
N PHE A 55 -4.17 6.05 -2.34
CA PHE A 55 -3.00 6.91 -2.32
C PHE A 55 -1.80 6.21 -2.97
N VAL A 56 -2.04 5.15 -3.71
CA VAL A 56 -1.00 4.47 -4.45
C VAL A 56 -1.49 4.23 -5.87
N LYS A 57 -0.59 3.95 -6.78
CA LYS A 57 -0.99 3.61 -8.11
C LYS A 57 -0.52 2.23 -8.46
N GLU A 58 -1.45 1.42 -8.89
CA GLU A 58 -1.20 0.07 -9.30
C GLU A 58 -0.56 0.09 -10.69
N LEU A 59 0.49 -0.67 -10.85
CA LEU A 59 1.17 -0.75 -12.12
C LEU A 59 0.69 -1.95 -12.89
N GLU A 60 0.34 -1.73 -14.12
CA GLU A 60 0.01 -2.78 -15.01
C GLU A 60 1.27 -3.03 -15.80
N GLY A 1 -6.71 -14.44 -8.18
CA GLY A 1 -6.68 -13.69 -9.43
C GLY A 1 -5.78 -12.50 -9.31
N SER A 2 -5.69 -11.71 -10.36
CA SER A 2 -4.84 -10.56 -10.36
C SER A 2 -5.54 -9.40 -9.65
N MET A 3 -5.30 -9.27 -8.36
CA MET A 3 -5.96 -8.26 -7.58
C MET A 3 -5.13 -7.01 -7.50
N GLY A 4 -3.81 -7.16 -7.55
CA GLY A 4 -2.97 -6.01 -7.48
C GLY A 4 -1.52 -6.33 -7.69
N ARG A 5 -0.86 -5.48 -8.42
CA ARG A 5 0.57 -5.55 -8.57
C ARG A 5 1.16 -4.49 -7.69
N GLN A 6 2.47 -4.53 -7.48
CA GLN A 6 3.17 -3.56 -6.65
C GLN A 6 2.82 -2.13 -7.06
N CYS A 7 2.58 -1.32 -6.08
CA CYS A 7 2.10 -0.01 -6.27
C CYS A 7 3.06 1.01 -5.67
N LYS A 8 3.23 2.09 -6.37
CA LYS A 8 4.06 3.15 -5.88
C LYS A 8 3.18 4.15 -5.17
N VAL A 9 3.76 4.86 -4.27
CA VAL A 9 3.03 5.78 -3.42
C VAL A 9 2.81 7.09 -4.15
N LEU A 10 1.60 7.55 -4.15
CA LEU A 10 1.24 8.79 -4.80
C LEU A 10 1.23 9.91 -3.78
N PHE A 11 0.57 9.67 -2.69
CA PHE A 11 0.43 10.68 -1.65
C PHE A 11 0.78 10.07 -0.33
N ASP A 12 1.34 10.88 0.55
CA ASP A 12 1.75 10.40 1.86
C ASP A 12 0.55 10.15 2.75
N TYR A 13 0.58 9.03 3.43
CA TYR A 13 -0.46 8.67 4.35
C TYR A 13 0.12 8.63 5.74
N SER A 14 -0.28 9.58 6.51
CA SER A 14 0.05 9.65 7.87
C SER A 14 -1.07 8.93 8.63
N PRO A 15 -0.78 7.74 9.11
CA PRO A 15 -1.76 6.88 9.74
C PRO A 15 -2.26 7.40 11.08
N GLN A 16 -3.38 6.84 11.52
CA GLN A 16 -4.05 7.26 12.75
C GLN A 16 -3.35 6.63 13.92
N ASN A 17 -2.87 5.45 13.68
CA ASN A 17 -2.10 4.72 14.62
C ASN A 17 -0.80 4.39 13.92
N GLU A 18 -0.01 3.53 14.48
CA GLU A 18 1.18 3.10 13.77
C GLU A 18 0.95 1.70 13.24
N ASP A 19 -0.32 1.35 13.17
CA ASP A 19 -0.77 0.05 12.72
C ASP A 19 -0.80 -0.01 11.23
N GLU A 20 -1.37 1.00 10.59
CA GLU A 20 -1.41 1.03 9.12
C GLU A 20 0.00 1.22 8.59
N LEU A 21 0.19 0.86 7.35
CA LEU A 21 1.48 0.99 6.73
C LEU A 21 1.66 2.42 6.27
N GLU A 22 2.74 3.04 6.70
CA GLU A 22 3.03 4.40 6.37
C GLU A 22 3.39 4.56 4.94
N LEU A 23 2.65 5.37 4.30
CA LEU A 23 2.84 5.64 2.91
C LEU A 23 3.67 6.88 2.76
N ILE A 24 4.88 6.70 2.35
CA ILE A 24 5.78 7.80 2.11
C ILE A 24 5.98 7.90 0.61
N VAL A 25 5.74 9.08 0.07
CA VAL A 25 5.84 9.29 -1.36
C VAL A 25 7.29 9.10 -1.83
N GLY A 26 7.43 8.42 -2.94
CA GLY A 26 8.74 8.14 -3.47
C GLY A 26 9.05 6.67 -3.42
N ASP A 27 8.39 5.96 -2.53
CA ASP A 27 8.69 4.55 -2.34
C ASP A 27 7.67 3.68 -3.11
N VAL A 28 7.93 2.38 -3.14
CA VAL A 28 7.14 1.40 -3.87
C VAL A 28 6.83 0.23 -2.92
N ILE A 29 5.58 -0.11 -2.84
CA ILE A 29 5.12 -1.16 -1.96
C ILE A 29 4.64 -2.33 -2.78
N ASP A 30 5.06 -3.51 -2.42
CA ASP A 30 4.66 -4.69 -3.13
C ASP A 30 3.45 -5.28 -2.44
N VAL A 31 2.31 -5.10 -3.04
CA VAL A 31 1.06 -5.56 -2.48
C VAL A 31 0.81 -7.02 -2.89
N ILE A 32 0.15 -7.74 -2.03
CA ILE A 32 -0.23 -9.10 -2.33
C ILE A 32 -1.59 -9.05 -3.00
N GLU A 33 -2.53 -8.41 -2.30
CA GLU A 33 -3.89 -8.25 -2.75
C GLU A 33 -4.60 -7.33 -1.77
N GLU A 34 -5.87 -7.13 -1.97
CA GLU A 34 -6.63 -6.27 -1.11
C GLU A 34 -7.55 -7.11 -0.24
N VAL A 35 -7.70 -6.71 1.00
CA VAL A 35 -8.58 -7.44 1.90
C VAL A 35 -9.94 -6.78 1.96
N GLU A 36 -9.97 -5.50 1.66
CA GLU A 36 -11.19 -4.72 1.64
C GLU A 36 -11.04 -3.69 0.56
N GLU A 37 -12.14 -3.24 -0.03
CA GLU A 37 -12.09 -2.20 -1.03
C GLU A 37 -11.72 -0.89 -0.38
N GLY A 38 -10.45 -0.62 -0.39
CA GLY A 38 -9.93 0.53 0.24
C GLY A 38 -8.66 0.19 0.98
N TRP A 39 -8.48 -1.08 1.34
CA TRP A 39 -7.31 -1.51 2.10
C TRP A 39 -6.56 -2.61 1.42
N TRP A 40 -5.36 -2.30 1.03
CA TRP A 40 -4.47 -3.23 0.38
C TRP A 40 -3.47 -3.78 1.39
N SER A 41 -3.15 -5.04 1.24
CA SER A 41 -2.20 -5.70 2.10
C SER A 41 -0.89 -5.89 1.35
N GLY A 42 0.09 -5.12 1.71
CA GLY A 42 1.33 -5.19 1.01
C GLY A 42 2.49 -4.94 1.91
N THR A 43 3.66 -5.22 1.42
CA THR A 43 4.85 -5.05 2.17
C THR A 43 5.70 -3.93 1.59
N LEU A 44 6.12 -3.05 2.47
CA LEU A 44 6.94 -1.91 2.11
C LEU A 44 8.33 -2.37 1.74
N ASN A 45 8.75 -3.40 2.41
CA ASN A 45 10.06 -4.01 2.28
C ASN A 45 10.02 -5.38 2.93
N ASN A 46 9.92 -5.37 4.24
CA ASN A 46 9.70 -6.59 5.03
C ASN A 46 8.46 -6.38 5.87
N LYS A 47 8.04 -5.12 5.98
CA LYS A 47 6.92 -4.76 6.80
C LYS A 47 5.64 -4.86 6.00
N LEU A 48 4.85 -5.83 6.35
CA LEU A 48 3.57 -6.08 5.75
C LEU A 48 2.53 -5.28 6.52
N GLY A 49 1.71 -4.55 5.84
CA GLY A 49 0.71 -3.78 6.51
C GLY A 49 -0.44 -3.44 5.62
N LEU A 50 -1.44 -2.82 6.20
CA LEU A 50 -2.61 -2.40 5.48
C LEU A 50 -2.46 -0.94 5.14
N PHE A 51 -2.80 -0.61 3.94
CA PHE A 51 -2.73 0.75 3.48
C PHE A 51 -3.90 1.07 2.57
N PRO A 52 -4.40 2.30 2.63
CA PRO A 52 -5.52 2.70 1.79
C PRO A 52 -5.11 2.87 0.32
N SER A 53 -5.88 2.26 -0.55
CA SER A 53 -5.57 2.22 -1.98
C SER A 53 -5.96 3.51 -2.73
N ASN A 54 -6.21 4.57 -2.00
CA ASN A 54 -6.54 5.84 -2.59
C ASN A 54 -5.29 6.69 -2.73
N PHE A 55 -4.23 6.31 -2.04
CA PHE A 55 -2.98 7.06 -2.12
C PHE A 55 -1.93 6.29 -2.92
N VAL A 56 -2.34 5.20 -3.52
CA VAL A 56 -1.46 4.36 -4.33
C VAL A 56 -2.25 3.82 -5.52
N LYS A 57 -1.62 3.70 -6.66
CA LYS A 57 -2.27 3.05 -7.77
C LYS A 57 -1.81 1.59 -7.96
N GLU A 58 -1.04 1.36 -8.98
CA GLU A 58 -0.44 0.09 -9.33
C GLU A 58 0.50 0.45 -10.45
N LEU A 59 1.62 -0.19 -10.56
CA LEU A 59 2.49 0.12 -11.66
C LEU A 59 2.34 -0.90 -12.77
N GLU A 60 2.85 -0.58 -13.89
CA GLU A 60 2.69 -1.39 -15.06
C GLU A 60 4.04 -1.71 -15.66
N GLY A 1 -5.14 -13.07 -11.01
CA GLY A 1 -4.84 -11.98 -11.94
C GLY A 1 -3.68 -12.36 -12.81
N SER A 2 -2.79 -11.43 -13.06
CA SER A 2 -1.62 -11.71 -13.84
C SER A 2 -0.41 -11.85 -12.91
N MET A 3 -0.32 -10.97 -11.96
CA MET A 3 0.79 -10.92 -11.03
C MET A 3 0.22 -10.39 -9.73
N GLY A 4 0.92 -10.57 -8.61
CA GLY A 4 0.45 -10.02 -7.33
C GLY A 4 0.39 -8.52 -7.39
N ARG A 5 1.35 -7.96 -8.12
CA ARG A 5 1.48 -6.54 -8.44
C ARG A 5 1.91 -5.69 -7.26
N GLN A 6 2.25 -4.48 -7.56
CA GLN A 6 2.73 -3.55 -6.58
C GLN A 6 2.05 -2.22 -6.84
N CYS A 7 2.40 -1.21 -6.10
CA CYS A 7 1.86 0.11 -6.31
C CYS A 7 2.86 1.16 -5.96
N LYS A 8 2.95 2.18 -6.79
CA LYS A 8 3.75 3.33 -6.44
C LYS A 8 2.92 4.24 -5.57
N VAL A 9 3.57 4.92 -4.70
CA VAL A 9 2.92 5.79 -3.77
C VAL A 9 2.94 7.22 -4.29
N LEU A 10 1.77 7.82 -4.43
CA LEU A 10 1.67 9.18 -4.92
C LEU A 10 1.62 10.16 -3.77
N PHE A 11 0.81 9.86 -2.80
CA PHE A 11 0.61 10.75 -1.68
C PHE A 11 1.01 10.03 -0.41
N ASP A 12 1.53 10.76 0.54
CA ASP A 12 1.94 10.19 1.81
C ASP A 12 0.76 10.05 2.74
N TYR A 13 0.95 9.24 3.74
CA TYR A 13 -0.07 8.93 4.70
C TYR A 13 0.58 8.70 6.05
N SER A 14 0.08 9.42 7.03
CA SER A 14 0.52 9.26 8.36
C SER A 14 -0.60 8.50 9.09
N PRO A 15 -0.36 7.23 9.40
CA PRO A 15 -1.35 6.35 10.05
C PRO A 15 -1.65 6.71 11.49
N GLN A 16 -2.65 6.04 12.02
CA GLN A 16 -3.11 6.26 13.37
C GLN A 16 -2.28 5.40 14.28
N ASN A 17 -2.15 4.16 13.89
CA ASN A 17 -1.39 3.21 14.65
C ASN A 17 -0.33 2.62 13.78
N GLU A 18 0.43 1.69 14.30
CA GLU A 18 1.53 1.10 13.56
C GLU A 18 1.04 -0.05 12.70
N ASP A 19 -0.23 -0.38 12.89
CA ASP A 19 -0.87 -1.49 12.19
C ASP A 19 -1.04 -1.17 10.71
N GLU A 20 -1.26 0.10 10.43
CA GLU A 20 -1.35 0.56 9.08
C GLU A 20 0.06 0.66 8.50
N LEU A 21 0.14 0.94 7.24
CA LEU A 21 1.40 1.07 6.58
C LEU A 21 1.60 2.50 6.16
N GLU A 22 2.76 3.05 6.51
CA GLU A 22 3.11 4.38 6.09
C GLU A 22 3.35 4.43 4.61
N LEU A 23 3.22 5.58 4.07
CA LEU A 23 3.32 5.74 2.65
C LEU A 23 4.44 6.71 2.30
N ILE A 24 5.49 6.19 1.69
CA ILE A 24 6.61 7.00 1.26
C ILE A 24 6.41 7.40 -0.18
N VAL A 25 6.40 8.68 -0.43
CA VAL A 25 6.11 9.24 -1.74
C VAL A 25 7.16 8.80 -2.76
N GLY A 26 6.69 8.23 -3.85
CA GLY A 26 7.55 7.85 -4.94
C GLY A 26 8.01 6.42 -4.90
N ASP A 27 7.86 5.76 -3.78
CA ASP A 27 8.38 4.39 -3.68
C ASP A 27 7.29 3.40 -4.06
N VAL A 28 7.57 2.12 -3.88
CA VAL A 28 6.67 1.08 -4.30
C VAL A 28 6.36 0.10 -3.15
N ILE A 29 5.11 -0.25 -3.03
CA ILE A 29 4.64 -1.20 -2.04
C ILE A 29 4.22 -2.47 -2.74
N ASP A 30 4.63 -3.61 -2.21
CA ASP A 30 4.22 -4.90 -2.75
C ASP A 30 2.84 -5.21 -2.22
N VAL A 31 1.90 -5.44 -3.11
CA VAL A 31 0.53 -5.64 -2.71
C VAL A 31 0.25 -7.11 -2.55
N ILE A 32 -0.13 -7.50 -1.37
CA ILE A 32 -0.41 -8.87 -1.09
C ILE A 32 -1.86 -9.18 -1.42
N GLU A 33 -2.76 -8.33 -0.92
CA GLU A 33 -4.19 -8.51 -1.17
C GLU A 33 -4.95 -7.30 -0.68
N GLU A 34 -6.03 -6.96 -1.35
CA GLU A 34 -6.89 -5.93 -0.85
C GLU A 34 -7.94 -6.59 0.04
N VAL A 35 -7.79 -6.40 1.32
CA VAL A 35 -8.65 -7.06 2.27
C VAL A 35 -10.03 -6.41 2.36
N GLU A 36 -10.05 -5.10 2.32
CA GLU A 36 -11.27 -4.34 2.36
C GLU A 36 -11.30 -3.49 1.11
N GLU A 37 -12.41 -2.90 0.81
CA GLU A 37 -12.47 -1.99 -0.29
C GLU A 37 -11.80 -0.67 0.11
N GLY A 38 -10.66 -0.40 -0.49
CA GLY A 38 -9.96 0.80 -0.19
C GLY A 38 -8.72 0.56 0.65
N TRP A 39 -8.75 -0.51 1.43
CA TRP A 39 -7.61 -0.83 2.28
C TRP A 39 -6.89 -2.03 1.76
N TRP A 40 -5.69 -1.80 1.36
CA TRP A 40 -4.85 -2.84 0.84
C TRP A 40 -3.90 -3.32 1.91
N SER A 41 -3.63 -4.58 1.87
CA SER A 41 -2.69 -5.19 2.74
C SER A 41 -1.44 -5.45 1.93
N GLY A 42 -0.38 -4.78 2.26
CA GLY A 42 0.84 -4.92 1.54
C GLY A 42 2.01 -4.59 2.39
N THR A 43 3.17 -4.64 1.81
CA THR A 43 4.38 -4.39 2.52
C THR A 43 5.27 -3.45 1.73
N LEU A 44 5.74 -2.40 2.40
CA LEU A 44 6.62 -1.44 1.78
C LEU A 44 8.05 -1.96 1.86
N ASN A 45 8.56 -2.04 3.08
CA ASN A 45 9.89 -2.58 3.29
C ASN A 45 9.77 -3.97 3.82
N ASN A 46 9.37 -4.10 5.07
CA ASN A 46 9.20 -5.42 5.66
C ASN A 46 7.93 -5.49 6.48
N LYS A 47 7.24 -4.38 6.64
CA LYS A 47 6.06 -4.40 7.47
C LYS A 47 4.83 -4.49 6.62
N LEU A 48 4.07 -5.53 6.85
CA LEU A 48 2.78 -5.70 6.24
C LEU A 48 1.82 -4.78 6.98
N GLY A 49 1.11 -3.97 6.27
CA GLY A 49 0.18 -3.08 6.90
C GLY A 49 -0.92 -2.70 5.97
N LEU A 50 -1.94 -2.07 6.53
CA LEU A 50 -3.07 -1.62 5.76
C LEU A 50 -2.85 -0.20 5.31
N PHE A 51 -3.10 0.05 4.07
CA PHE A 51 -2.96 1.37 3.52
C PHE A 51 -4.09 1.67 2.56
N PRO A 52 -4.56 2.92 2.51
CA PRO A 52 -5.61 3.31 1.60
C PRO A 52 -5.10 3.44 0.15
N SER A 53 -5.77 2.73 -0.74
CA SER A 53 -5.44 2.69 -2.16
C SER A 53 -5.51 4.07 -2.82
N ASN A 54 -6.27 4.96 -2.21
CA ASN A 54 -6.47 6.32 -2.69
C ASN A 54 -5.16 7.10 -2.83
N PHE A 55 -4.15 6.73 -2.04
CA PHE A 55 -2.90 7.47 -2.09
C PHE A 55 -1.84 6.79 -2.98
N VAL A 56 -2.16 5.64 -3.52
CA VAL A 56 -1.24 4.93 -4.39
C VAL A 56 -1.81 4.90 -5.80
N LYS A 57 -0.97 4.71 -6.80
CA LYS A 57 -1.47 4.75 -8.17
C LYS A 57 -1.62 3.35 -8.74
N GLU A 58 -1.06 2.35 -8.04
CA GLU A 58 -1.03 0.95 -8.48
C GLU A 58 -0.09 0.84 -9.72
N LEU A 59 0.16 -0.35 -10.19
CA LEU A 59 0.92 -0.52 -11.40
C LEU A 59 0.38 -1.69 -12.20
N GLU A 60 0.95 -1.91 -13.33
CA GLU A 60 0.50 -2.89 -14.24
C GLU A 60 1.68 -3.52 -14.96
N GLY A 1 -1.55 -12.77 -17.27
CA GLY A 1 -0.51 -13.26 -16.35
C GLY A 1 0.24 -12.12 -15.73
N SER A 2 -0.33 -11.51 -14.72
CA SER A 2 0.29 -10.37 -14.07
C SER A 2 0.96 -10.77 -12.73
N MET A 3 0.67 -11.99 -12.29
CA MET A 3 1.22 -12.58 -11.05
C MET A 3 0.68 -11.94 -9.78
N GLY A 4 1.15 -10.75 -9.50
CA GLY A 4 0.76 -10.08 -8.30
C GLY A 4 0.22 -8.70 -8.60
N ARG A 5 0.11 -7.89 -7.60
CA ARG A 5 -0.41 -6.56 -7.73
C ARG A 5 0.38 -5.59 -6.84
N GLN A 6 0.92 -4.55 -7.44
CA GLN A 6 1.76 -3.63 -6.70
C GLN A 6 1.33 -2.21 -6.96
N CYS A 7 1.28 -1.43 -5.93
CA CYS A 7 0.87 -0.06 -6.04
C CYS A 7 2.03 0.85 -5.69
N LYS A 8 2.05 2.03 -6.24
CA LYS A 8 3.07 2.98 -5.94
C LYS A 8 2.53 4.07 -5.09
N VAL A 9 3.38 4.62 -4.27
CA VAL A 9 3.00 5.68 -3.40
C VAL A 9 3.25 7.00 -4.09
N LEU A 10 2.18 7.69 -4.37
CA LEU A 10 2.27 8.96 -5.06
C LEU A 10 1.97 10.10 -4.09
N PHE A 11 1.02 9.85 -3.22
CA PHE A 11 0.56 10.84 -2.27
C PHE A 11 1.06 10.44 -0.89
N ASP A 12 1.12 11.36 0.03
CA ASP A 12 1.67 11.06 1.35
C ASP A 12 0.51 10.82 2.32
N TYR A 13 0.73 9.99 3.30
CA TYR A 13 -0.31 9.60 4.22
C TYR A 13 -0.02 10.07 5.64
N SER A 14 1.00 9.49 6.25
CA SER A 14 1.30 9.63 7.67
C SER A 14 0.17 8.94 8.46
N PRO A 15 0.44 7.72 8.96
CA PRO A 15 -0.58 6.90 9.65
C PRO A 15 -1.08 7.51 10.95
N GLN A 16 -2.22 7.05 11.39
CA GLN A 16 -2.87 7.57 12.57
C GLN A 16 -2.32 6.81 13.77
N ASN A 17 -2.10 5.54 13.55
CA ASN A 17 -1.54 4.68 14.54
C ASN A 17 -0.25 4.13 13.98
N GLU A 18 0.39 3.25 14.69
CA GLU A 18 1.62 2.63 14.18
C GLU A 18 1.29 1.32 13.49
N ASP A 19 0.02 0.97 13.54
CA ASP A 19 -0.49 -0.28 13.00
C ASP A 19 -0.43 -0.25 11.49
N GLU A 20 -1.01 0.81 10.91
CA GLU A 20 -1.08 0.98 9.47
C GLU A 20 0.31 1.05 8.85
N LEU A 21 0.35 0.88 7.56
CA LEU A 21 1.56 0.93 6.81
C LEU A 21 1.82 2.36 6.35
N GLU A 22 3.03 2.83 6.55
CA GLU A 22 3.42 4.12 6.08
C GLU A 22 3.53 4.11 4.59
N LEU A 23 3.43 5.27 4.04
CA LEU A 23 3.47 5.41 2.62
C LEU A 23 4.57 6.36 2.25
N ILE A 24 5.67 5.81 1.81
CA ILE A 24 6.79 6.59 1.39
C ILE A 24 6.66 6.89 -0.09
N VAL A 25 6.60 8.15 -0.42
CA VAL A 25 6.39 8.59 -1.78
C VAL A 25 7.54 8.16 -2.69
N GLY A 26 7.20 7.46 -3.75
CA GLY A 26 8.20 6.98 -4.67
C GLY A 26 8.48 5.51 -4.48
N ASP A 27 7.99 4.96 -3.39
CA ASP A 27 8.18 3.55 -3.08
C ASP A 27 7.10 2.70 -3.66
N VAL A 28 7.43 1.44 -3.88
CA VAL A 28 6.51 0.48 -4.40
C VAL A 28 6.04 -0.40 -3.24
N ILE A 29 4.77 -0.66 -3.19
CA ILE A 29 4.21 -1.52 -2.19
C ILE A 29 3.73 -2.77 -2.87
N ASP A 30 4.28 -3.88 -2.48
CA ASP A 30 3.85 -5.15 -3.00
C ASP A 30 2.63 -5.60 -2.23
N VAL A 31 1.54 -5.73 -2.93
CA VAL A 31 0.27 -6.05 -2.34
C VAL A 31 -0.06 -7.51 -2.63
N ILE A 32 -0.68 -8.18 -1.70
CA ILE A 32 -1.11 -9.54 -1.92
C ILE A 32 -2.50 -9.51 -2.51
N GLU A 33 -3.41 -8.88 -1.80
CA GLU A 33 -4.77 -8.75 -2.17
C GLU A 33 -5.39 -7.66 -1.31
N GLU A 34 -6.52 -7.16 -1.68
CA GLU A 34 -7.21 -6.19 -0.91
C GLU A 34 -8.19 -6.89 0.03
N VAL A 35 -8.03 -6.69 1.32
CA VAL A 35 -8.95 -7.27 2.29
C VAL A 35 -10.18 -6.39 2.39
N GLU A 36 -9.94 -5.12 2.14
CA GLU A 36 -10.93 -4.10 2.07
C GLU A 36 -10.64 -3.38 0.79
N GLU A 37 -11.60 -2.69 0.25
CA GLU A 37 -11.36 -1.95 -0.97
C GLU A 37 -10.60 -0.68 -0.65
N GLY A 38 -10.79 -0.19 0.57
CA GLY A 38 -10.11 0.99 1.01
C GLY A 38 -8.80 0.67 1.66
N TRP A 39 -8.75 -0.41 2.39
CA TRP A 39 -7.55 -0.83 3.08
C TRP A 39 -6.96 -2.09 2.45
N TRP A 40 -5.85 -1.93 1.78
CA TRP A 40 -5.20 -3.05 1.12
C TRP A 40 -4.16 -3.66 2.03
N SER A 41 -3.72 -4.86 1.70
CA SER A 41 -2.71 -5.53 2.48
C SER A 41 -1.44 -5.71 1.67
N GLY A 42 -0.40 -5.06 2.09
CA GLY A 42 0.85 -5.14 1.40
C GLY A 42 1.96 -4.77 2.32
N THR A 43 3.16 -4.84 1.84
CA THR A 43 4.30 -4.53 2.64
C THR A 43 5.15 -3.47 1.95
N LEU A 44 5.71 -2.59 2.73
CA LEU A 44 6.54 -1.54 2.20
C LEU A 44 7.97 -2.03 2.13
N ASN A 45 8.58 -2.23 3.29
CA ASN A 45 9.92 -2.77 3.36
C ASN A 45 9.92 -4.02 4.19
N ASN A 46 9.32 -3.94 5.36
CA ASN A 46 9.29 -5.10 6.27
C ASN A 46 7.90 -5.35 6.82
N LYS A 47 7.18 -4.29 7.11
CA LYS A 47 5.89 -4.42 7.76
C LYS A 47 4.80 -4.58 6.74
N LEU A 48 4.13 -5.70 6.80
CA LEU A 48 3.01 -5.94 5.95
C LEU A 48 1.80 -5.48 6.72
N GLY A 49 1.11 -4.52 6.19
CA GLY A 49 -0.02 -4.00 6.87
C GLY A 49 -1.04 -3.46 5.94
N LEU A 50 -1.97 -2.73 6.51
CA LEU A 50 -3.03 -2.14 5.77
C LEU A 50 -2.73 -0.69 5.52
N PHE A 51 -3.17 -0.22 4.40
CA PHE A 51 -2.97 1.13 3.98
C PHE A 51 -4.15 1.55 3.12
N PRO A 52 -4.54 2.83 3.17
CA PRO A 52 -5.64 3.32 2.38
C PRO A 52 -5.25 3.49 0.90
N SER A 53 -6.06 2.94 0.04
CA SER A 53 -5.84 2.93 -1.40
C SER A 53 -6.12 4.29 -2.07
N ASN A 54 -6.09 5.33 -1.30
CA ASN A 54 -6.35 6.68 -1.77
C ASN A 54 -5.05 7.30 -2.27
N PHE A 55 -4.00 7.12 -1.51
CA PHE A 55 -2.71 7.77 -1.74
C PHE A 55 -1.84 6.94 -2.67
N VAL A 56 -2.30 5.77 -2.97
CA VAL A 56 -1.60 4.84 -3.81
C VAL A 56 -2.48 4.45 -4.97
N LYS A 57 -1.88 4.23 -6.08
CA LYS A 57 -2.57 3.72 -7.24
C LYS A 57 -1.83 2.53 -7.72
N GLU A 58 -2.54 1.57 -8.21
CA GLU A 58 -1.93 0.37 -8.65
C GLU A 58 -1.55 0.50 -10.11
N LEU A 59 -0.28 0.59 -10.36
CA LEU A 59 0.22 0.72 -11.70
C LEU A 59 0.45 -0.64 -12.29
N GLU A 60 -0.19 -0.87 -13.40
CA GLU A 60 -0.11 -2.13 -14.08
C GLU A 60 0.86 -2.00 -15.24
N GLY A 1 7.35 -12.72 -18.15
CA GLY A 1 5.98 -12.19 -18.08
C GLY A 1 5.93 -10.92 -17.30
N SER A 2 4.89 -10.16 -17.47
CA SER A 2 4.75 -8.91 -16.78
C SER A 2 4.26 -9.17 -15.36
N MET A 3 5.17 -9.23 -14.42
CA MET A 3 4.84 -9.52 -13.04
C MET A 3 4.79 -8.27 -12.23
N GLY A 4 3.60 -7.87 -11.87
CA GLY A 4 3.42 -6.70 -11.08
C GLY A 4 2.33 -6.88 -10.07
N ARG A 5 1.12 -6.44 -10.42
CA ARG A 5 -0.09 -6.45 -9.55
C ARG A 5 0.08 -5.60 -8.28
N GLN A 6 1.19 -4.93 -8.15
CA GLN A 6 1.47 -4.14 -6.98
C GLN A 6 0.99 -2.72 -7.17
N CYS A 7 0.96 -1.95 -6.12
CA CYS A 7 0.42 -0.61 -6.20
C CYS A 7 1.45 0.45 -5.84
N LYS A 8 1.58 1.43 -6.71
CA LYS A 8 2.48 2.54 -6.49
C LYS A 8 1.81 3.57 -5.63
N VAL A 9 2.60 4.22 -4.85
CA VAL A 9 2.16 5.26 -3.96
C VAL A 9 2.23 6.61 -4.68
N LEU A 10 1.18 7.38 -4.55
CA LEU A 10 1.08 8.70 -5.15
C LEU A 10 1.49 9.76 -4.14
N PHE A 11 0.78 9.77 -3.02
CA PHE A 11 0.99 10.73 -1.96
C PHE A 11 1.32 10.00 -0.69
N ASP A 12 1.92 10.70 0.23
CA ASP A 12 2.29 10.13 1.50
C ASP A 12 1.09 10.11 2.43
N TYR A 13 1.15 9.27 3.42
CA TYR A 13 0.05 9.08 4.35
C TYR A 13 0.47 9.45 5.76
N SER A 14 1.51 8.78 6.26
CA SER A 14 1.99 8.90 7.64
C SER A 14 0.97 8.22 8.57
N PRO A 15 1.29 7.03 9.10
CA PRO A 15 0.42 6.31 10.02
C PRO A 15 0.13 7.13 11.26
N GLN A 16 -0.97 6.85 11.86
CA GLN A 16 -1.40 7.53 13.04
C GLN A 16 -0.72 6.85 14.22
N ASN A 17 -0.45 5.57 14.05
CA ASN A 17 0.25 4.79 15.05
C ASN A 17 1.58 4.41 14.54
N GLU A 18 1.57 3.40 13.73
CA GLU A 18 2.77 2.78 13.11
C GLU A 18 2.39 1.45 12.50
N ASP A 19 1.34 0.85 13.01
CA ASP A 19 0.90 -0.47 12.57
C ASP A 19 0.27 -0.40 11.18
N GLU A 20 -0.19 0.77 10.82
CA GLU A 20 -0.69 1.03 9.49
C GLU A 20 0.52 1.12 8.59
N LEU A 21 0.36 0.78 7.36
CA LEU A 21 1.49 0.75 6.47
C LEU A 21 1.87 2.14 5.98
N GLU A 22 3.08 2.54 6.35
CA GLU A 22 3.68 3.75 5.91
C GLU A 22 3.80 3.74 4.38
N LEU A 23 3.29 4.76 3.76
CA LEU A 23 3.31 4.85 2.33
C LEU A 23 4.57 5.60 1.89
N ILE A 24 5.43 4.94 1.16
CA ILE A 24 6.59 5.61 0.64
C ILE A 24 6.28 6.15 -0.72
N VAL A 25 6.27 7.45 -0.79
CA VAL A 25 5.89 8.17 -1.96
C VAL A 25 6.87 7.93 -3.12
N GLY A 26 6.33 7.54 -4.25
CA GLY A 26 7.13 7.25 -5.41
C GLY A 26 7.52 5.78 -5.48
N ASP A 27 7.27 5.03 -4.42
CA ASP A 27 7.67 3.63 -4.38
C ASP A 27 6.44 2.73 -4.56
N VAL A 28 6.63 1.42 -4.56
CA VAL A 28 5.57 0.48 -4.86
C VAL A 28 5.39 -0.53 -3.73
N ILE A 29 4.17 -0.69 -3.28
CA ILE A 29 3.82 -1.58 -2.19
C ILE A 29 3.35 -2.93 -2.72
N ASP A 30 3.74 -3.99 -2.04
CA ASP A 30 3.31 -5.32 -2.38
C ASP A 30 1.98 -5.60 -1.68
N VAL A 31 0.91 -5.38 -2.41
CA VAL A 31 -0.42 -5.59 -1.87
C VAL A 31 -0.82 -7.04 -2.05
N ILE A 32 -1.54 -7.57 -1.10
CA ILE A 32 -1.96 -8.95 -1.17
C ILE A 32 -3.48 -9.05 -1.31
N GLU A 33 -4.21 -8.43 -0.41
CA GLU A 33 -5.66 -8.51 -0.40
C GLU A 33 -6.21 -7.28 0.31
N GLU A 34 -7.46 -6.97 0.10
CA GLU A 34 -8.09 -5.87 0.77
C GLU A 34 -8.94 -6.38 1.93
N VAL A 35 -8.96 -5.66 3.03
CA VAL A 35 -9.82 -6.05 4.15
C VAL A 35 -11.07 -5.20 4.12
N GLU A 36 -10.92 -4.03 3.53
CA GLU A 36 -11.96 -3.09 3.28
C GLU A 36 -11.69 -2.57 1.90
N GLU A 37 -12.65 -1.92 1.32
CA GLU A 37 -12.51 -1.38 -0.02
C GLU A 37 -11.40 -0.34 -0.06
N GLY A 38 -11.32 0.45 0.99
CA GLY A 38 -10.32 1.48 1.07
C GLY A 38 -9.04 1.00 1.71
N TRP A 39 -9.16 0.20 2.76
CA TRP A 39 -7.98 -0.26 3.47
C TRP A 39 -7.50 -1.59 2.93
N TRP A 40 -6.42 -1.53 2.21
CA TRP A 40 -5.80 -2.68 1.63
C TRP A 40 -4.73 -3.22 2.55
N SER A 41 -4.46 -4.50 2.45
CA SER A 41 -3.46 -5.14 3.27
C SER A 41 -2.28 -5.51 2.40
N GLY A 42 -1.14 -4.98 2.74
CA GLY A 42 0.06 -5.23 2.01
C GLY A 42 1.24 -4.92 2.84
N THR A 43 2.41 -5.14 2.31
CA THR A 43 3.59 -4.89 3.05
C THR A 43 4.57 -4.15 2.16
N LEU A 44 5.60 -3.61 2.76
CA LEU A 44 6.57 -2.85 2.03
C LEU A 44 7.95 -3.26 2.45
N ASN A 45 8.23 -3.07 3.72
CA ASN A 45 9.51 -3.42 4.26
C ASN A 45 9.32 -4.55 5.24
N ASN A 46 8.71 -4.25 6.36
CA ASN A 46 8.48 -5.25 7.40
C ASN A 46 7.04 -5.30 7.82
N LYS A 47 6.35 -4.19 7.73
CA LYS A 47 5.01 -4.11 8.22
C LYS A 47 4.02 -4.58 7.19
N LEU A 48 3.27 -5.57 7.55
CA LEU A 48 2.16 -6.02 6.76
C LEU A 48 0.97 -5.40 7.40
N GLY A 49 0.41 -4.41 6.77
CA GLY A 49 -0.64 -3.70 7.40
C GLY A 49 -1.58 -3.09 6.43
N LEU A 50 -2.44 -2.25 6.94
CA LEU A 50 -3.45 -1.62 6.17
C LEU A 50 -3.03 -0.25 5.74
N PHE A 51 -3.47 0.13 4.59
CA PHE A 51 -3.19 1.43 4.03
C PHE A 51 -4.36 1.89 3.17
N PRO A 52 -4.63 3.20 3.12
CA PRO A 52 -5.71 3.75 2.32
C PRO A 52 -5.36 3.75 0.82
N SER A 53 -6.20 3.12 0.05
CA SER A 53 -5.98 2.92 -1.36
C SER A 53 -6.13 4.21 -2.19
N ASN A 54 -6.66 5.28 -1.61
CA ASN A 54 -6.79 6.54 -2.37
C ASN A 54 -5.44 7.13 -2.75
N PHE A 55 -4.40 6.76 -2.04
CA PHE A 55 -3.09 7.28 -2.32
C PHE A 55 -2.25 6.32 -3.16
N VAL A 56 -2.85 5.25 -3.67
CA VAL A 56 -2.08 4.28 -4.45
C VAL A 56 -2.79 3.91 -5.76
N LYS A 57 -2.02 3.47 -6.73
CA LYS A 57 -2.53 2.94 -7.98
C LYS A 57 -2.06 1.53 -8.20
N GLU A 58 -3.01 0.65 -8.45
CA GLU A 58 -2.77 -0.79 -8.59
C GLU A 58 -2.31 -1.16 -10.01
N LEU A 59 -1.73 -0.23 -10.67
CA LEU A 59 -1.29 -0.43 -12.02
C LEU A 59 0.20 -0.59 -12.06
N GLU A 60 0.63 -1.57 -12.77
CA GLU A 60 2.01 -1.88 -12.92
C GLU A 60 2.55 -1.20 -14.18
N GLY A 1 4.83 -10.95 -3.74
CA GLY A 1 4.58 -10.90 -5.17
C GLY A 1 3.59 -11.95 -5.59
N SER A 2 2.57 -11.50 -6.28
CA SER A 2 1.54 -12.34 -6.80
C SER A 2 0.92 -11.57 -7.96
N MET A 3 -0.19 -12.03 -8.52
CA MET A 3 -0.85 -11.29 -9.58
C MET A 3 -1.58 -10.08 -9.02
N GLY A 4 -0.83 -9.05 -8.87
CA GLY A 4 -1.29 -7.82 -8.39
C GLY A 4 -0.36 -6.77 -8.86
N ARG A 5 -0.91 -5.77 -9.46
CA ARG A 5 -0.12 -4.70 -10.00
C ARG A 5 0.31 -3.79 -8.88
N GLN A 6 1.61 -3.65 -8.73
CA GLN A 6 2.18 -2.88 -7.64
C GLN A 6 1.86 -1.41 -7.82
N CYS A 7 1.56 -0.78 -6.74
CA CYS A 7 1.17 0.59 -6.76
C CYS A 7 2.32 1.47 -6.33
N LYS A 8 2.37 2.65 -6.86
CA LYS A 8 3.35 3.62 -6.50
C LYS A 8 2.76 4.56 -5.51
N VAL A 9 3.56 4.95 -4.60
CA VAL A 9 3.14 5.85 -3.58
C VAL A 9 3.28 7.27 -4.08
N LEU A 10 2.16 7.89 -4.36
CA LEU A 10 2.13 9.22 -4.91
C LEU A 10 2.14 10.24 -3.78
N PHE A 11 1.48 9.89 -2.70
CA PHE A 11 1.36 10.74 -1.55
C PHE A 11 1.65 9.97 -0.30
N ASP A 12 2.16 10.64 0.69
CA ASP A 12 2.55 9.99 1.92
C ASP A 12 1.37 9.76 2.82
N TYR A 13 1.54 8.84 3.72
CA TYR A 13 0.56 8.55 4.71
C TYR A 13 1.23 8.04 5.96
N SER A 14 1.20 8.85 6.96
CA SER A 14 1.67 8.50 8.25
C SER A 14 0.45 8.09 9.08
N PRO A 15 0.31 6.78 9.35
CA PRO A 15 -0.80 6.19 10.10
C PRO A 15 -1.12 6.90 11.41
N GLN A 16 -2.35 6.76 11.81
CA GLN A 16 -2.85 7.36 13.02
C GLN A 16 -2.55 6.41 14.18
N ASN A 17 -2.38 5.16 13.85
CA ASN A 17 -2.05 4.11 14.80
C ASN A 17 -0.88 3.36 14.22
N GLU A 18 -0.59 2.16 14.67
CA GLU A 18 0.50 1.42 14.08
C GLU A 18 -0.03 0.31 13.17
N ASP A 19 -1.34 0.32 12.98
CA ASP A 19 -2.01 -0.71 12.18
C ASP A 19 -1.81 -0.48 10.70
N GLU A 20 -1.93 0.77 10.27
CA GLU A 20 -1.81 1.06 8.87
C GLU A 20 -0.34 1.03 8.43
N LEU A 21 -0.15 0.86 7.15
CA LEU A 21 1.17 0.83 6.57
C LEU A 21 1.60 2.26 6.28
N GLU A 22 2.86 2.51 6.46
CA GLU A 22 3.42 3.81 6.21
C GLU A 22 3.70 3.99 4.76
N LEU A 23 3.09 4.98 4.21
CA LEU A 23 3.23 5.28 2.82
C LEU A 23 4.26 6.37 2.65
N ILE A 24 5.30 6.07 1.92
CA ILE A 24 6.37 7.00 1.69
C ILE A 24 6.42 7.31 0.21
N VAL A 25 6.31 8.58 -0.11
CA VAL A 25 6.24 9.08 -1.48
C VAL A 25 7.42 8.60 -2.34
N GLY A 26 7.10 8.08 -3.51
CA GLY A 26 8.11 7.69 -4.46
C GLY A 26 8.48 6.23 -4.42
N ASP A 27 7.93 5.48 -3.50
CA ASP A 27 8.30 4.07 -3.45
C ASP A 27 7.16 3.20 -4.04
N VAL A 28 7.34 1.90 -4.03
CA VAL A 28 6.42 0.95 -4.64
C VAL A 28 6.02 -0.09 -3.60
N ILE A 29 4.76 -0.44 -3.58
CA ILE A 29 4.27 -1.42 -2.63
C ILE A 29 3.93 -2.72 -3.34
N ASP A 30 4.36 -3.82 -2.76
CA ASP A 30 4.00 -5.14 -3.24
C ASP A 30 2.59 -5.44 -2.79
N VAL A 31 1.65 -5.19 -3.67
CA VAL A 31 0.26 -5.41 -3.37
C VAL A 31 -0.04 -6.89 -3.40
N ILE A 32 -0.66 -7.36 -2.38
CA ILE A 32 -1.02 -8.74 -2.31
C ILE A 32 -2.47 -8.89 -2.72
N GLU A 33 -3.35 -8.25 -1.95
CA GLU A 33 -4.77 -8.29 -2.20
C GLU A 33 -5.45 -7.22 -1.34
N GLU A 34 -6.75 -7.06 -1.48
CA GLU A 34 -7.43 -6.03 -0.69
C GLU A 34 -8.29 -6.64 0.39
N VAL A 35 -8.11 -6.16 1.60
CA VAL A 35 -8.87 -6.64 2.73
C VAL A 35 -10.24 -5.99 2.75
N GLU A 36 -10.28 -4.73 2.35
CA GLU A 36 -11.50 -3.98 2.29
C GLU A 36 -11.51 -3.15 1.06
N GLU A 37 -12.63 -2.56 0.77
CA GLU A 37 -12.78 -1.69 -0.37
C GLU A 37 -12.12 -0.36 -0.06
N GLY A 38 -10.87 -0.24 -0.45
CA GLY A 38 -10.11 0.95 -0.19
C GLY A 38 -8.84 0.62 0.55
N TRP A 39 -8.92 -0.36 1.43
CA TRP A 39 -7.78 -0.77 2.23
C TRP A 39 -7.14 -2.01 1.65
N TRP A 40 -5.93 -1.84 1.19
CA TRP A 40 -5.18 -2.91 0.60
C TRP A 40 -4.19 -3.50 1.58
N SER A 41 -3.80 -4.71 1.29
CA SER A 41 -2.85 -5.43 2.06
C SER A 41 -1.60 -5.58 1.19
N GLY A 42 -0.50 -5.06 1.66
CA GLY A 42 0.69 -5.15 0.87
C GLY A 42 1.92 -5.02 1.69
N THR A 43 3.01 -5.36 1.11
CA THR A 43 4.29 -5.30 1.76
C THR A 43 5.06 -4.11 1.22
N LEU A 44 5.57 -3.28 2.10
CA LEU A 44 6.35 -2.13 1.66
C LEU A 44 7.76 -2.60 1.36
N ASN A 45 8.41 -3.13 2.37
CA ASN A 45 9.73 -3.73 2.21
C ASN A 45 9.84 -4.97 3.03
N ASN A 46 9.78 -4.82 4.34
CA ASN A 46 9.95 -5.94 5.24
C ASN A 46 8.67 -6.22 5.99
N LYS A 47 7.77 -5.27 5.99
CA LYS A 47 6.56 -5.40 6.75
C LYS A 47 5.34 -5.29 5.85
N LEU A 48 4.34 -6.09 6.17
CA LEU A 48 3.08 -6.10 5.49
C LEU A 48 2.15 -5.19 6.28
N GLY A 49 1.42 -4.36 5.60
CA GLY A 49 0.52 -3.49 6.29
C GLY A 49 -0.68 -3.15 5.46
N LEU A 50 -1.65 -2.52 6.09
CA LEU A 50 -2.88 -2.14 5.44
C LEU A 50 -2.82 -0.67 5.09
N PHE A 51 -3.14 -0.34 3.88
CA PHE A 51 -3.03 1.03 3.41
C PHE A 51 -4.21 1.40 2.54
N PRO A 52 -4.64 2.67 2.59
CA PRO A 52 -5.72 3.14 1.76
C PRO A 52 -5.23 3.50 0.34
N SER A 53 -5.93 3.05 -0.66
CA SER A 53 -5.57 3.28 -2.05
C SER A 53 -6.00 4.69 -2.53
N ASN A 54 -5.77 5.66 -1.66
CA ASN A 54 -6.04 7.04 -1.99
C ASN A 54 -4.72 7.71 -2.30
N PHE A 55 -3.71 7.37 -1.52
CA PHE A 55 -2.40 7.97 -1.65
C PHE A 55 -1.53 7.15 -2.61
N VAL A 56 -2.04 5.99 -2.96
CA VAL A 56 -1.40 5.09 -3.88
C VAL A 56 -2.37 4.73 -4.98
N LYS A 57 -1.88 4.64 -6.17
CA LYS A 57 -2.69 4.20 -7.28
C LYS A 57 -2.06 3.03 -7.96
N GLU A 58 -2.88 2.12 -8.37
CA GLU A 58 -2.46 0.99 -9.14
C GLU A 58 -2.41 1.42 -10.59
N LEU A 59 -1.25 1.73 -11.06
CA LEU A 59 -1.07 2.11 -12.42
C LEU A 59 0.18 1.47 -12.94
N GLU A 60 0.23 1.27 -14.22
CA GLU A 60 1.35 0.65 -14.83
C GLU A 60 2.10 1.67 -15.63
N GLY A 1 6.48 -9.41 -9.57
CA GLY A 1 5.15 -9.61 -9.00
C GLY A 1 4.10 -9.58 -10.08
N SER A 2 3.82 -10.74 -10.66
CA SER A 2 2.86 -10.87 -11.74
C SER A 2 1.45 -10.55 -11.25
N MET A 3 1.01 -11.22 -10.22
CA MET A 3 -0.26 -10.95 -9.66
C MET A 3 -0.03 -10.23 -8.38
N GLY A 4 -0.90 -9.37 -8.04
CA GLY A 4 -0.66 -8.53 -6.92
C GLY A 4 0.19 -7.41 -7.40
N ARG A 5 -0.36 -6.74 -8.40
CA ARG A 5 0.30 -5.65 -9.07
C ARG A 5 0.64 -4.60 -8.05
N GLN A 6 1.81 -4.10 -8.13
CA GLN A 6 2.29 -3.21 -7.13
C GLN A 6 1.91 -1.79 -7.44
N CYS A 7 1.79 -1.00 -6.42
CA CYS A 7 1.36 0.37 -6.56
C CYS A 7 2.41 1.33 -6.03
N LYS A 8 2.36 2.53 -6.53
CA LYS A 8 3.23 3.60 -6.08
C LYS A 8 2.49 4.57 -5.23
N VAL A 9 3.14 5.01 -4.21
CA VAL A 9 2.59 5.99 -3.30
C VAL A 9 2.71 7.36 -3.93
N LEU A 10 1.60 8.01 -4.15
CA LEU A 10 1.62 9.35 -4.70
C LEU A 10 1.40 10.38 -3.64
N PHE A 11 0.59 10.04 -2.66
CA PHE A 11 0.25 10.98 -1.61
C PHE A 11 0.57 10.38 -0.26
N ASP A 12 0.81 11.22 0.71
CA ASP A 12 1.19 10.77 2.05
C ASP A 12 -0.06 10.33 2.80
N TYR A 13 0.12 9.45 3.73
CA TYR A 13 -0.93 8.93 4.56
C TYR A 13 -0.72 9.38 5.99
N SER A 14 0.48 9.12 6.49
CA SER A 14 0.85 9.34 7.86
C SER A 14 -0.06 8.54 8.81
N PRO A 15 0.32 7.27 9.10
CA PRO A 15 -0.49 6.35 9.92
C PRO A 15 -0.81 6.91 11.30
N GLN A 16 -1.90 6.45 11.85
CA GLN A 16 -2.32 6.90 13.14
C GLN A 16 -1.73 5.98 14.19
N ASN A 17 -1.31 4.82 13.74
CA ASN A 17 -0.69 3.84 14.60
C ASN A 17 0.53 3.31 13.90
N GLU A 18 1.07 2.24 14.40
CA GLU A 18 2.23 1.61 13.83
C GLU A 18 1.82 0.34 13.10
N ASP A 19 0.53 0.13 13.02
CA ASP A 19 -0.01 -1.09 12.47
C ASP A 19 -0.23 -0.98 10.98
N GLU A 20 -0.56 0.22 10.52
CA GLU A 20 -0.75 0.45 9.11
C GLU A 20 0.58 0.48 8.38
N LEU A 21 0.53 0.67 7.09
CA LEU A 21 1.72 0.72 6.31
C LEU A 21 2.15 2.15 6.14
N GLU A 22 3.42 2.38 6.29
CA GLU A 22 3.99 3.69 6.13
C GLU A 22 4.28 3.95 4.69
N LEU A 23 3.62 4.94 4.18
CA LEU A 23 3.69 5.23 2.78
C LEU A 23 4.81 6.21 2.48
N ILE A 24 5.86 5.71 1.85
CA ILE A 24 6.97 6.51 1.37
C ILE A 24 6.62 6.98 -0.03
N VAL A 25 6.70 8.27 -0.28
CA VAL A 25 6.24 8.82 -1.56
C VAL A 25 7.13 8.39 -2.74
N GLY A 26 6.47 7.86 -3.75
CA GLY A 26 7.12 7.40 -4.94
C GLY A 26 7.62 5.97 -4.82
N ASP A 27 7.43 5.36 -3.65
CA ASP A 27 7.92 4.01 -3.46
C ASP A 27 6.85 3.01 -3.93
N VAL A 28 7.22 1.74 -4.02
CA VAL A 28 6.39 0.71 -4.59
C VAL A 28 5.98 -0.33 -3.52
N ILE A 29 4.70 -0.60 -3.44
CA ILE A 29 4.15 -1.51 -2.43
C ILE A 29 3.62 -2.78 -3.08
N ASP A 30 3.93 -3.93 -2.49
CA ASP A 30 3.46 -5.21 -2.99
C ASP A 30 2.10 -5.50 -2.38
N VAL A 31 1.07 -5.35 -3.18
CA VAL A 31 -0.30 -5.52 -2.72
C VAL A 31 -0.69 -6.98 -2.77
N ILE A 32 -1.07 -7.52 -1.64
CA ILE A 32 -1.47 -8.90 -1.59
C ILE A 32 -2.97 -9.01 -1.83
N GLU A 33 -3.74 -8.23 -1.11
CA GLU A 33 -5.18 -8.28 -1.21
C GLU A 33 -5.79 -7.02 -0.63
N GLU A 34 -6.94 -6.65 -1.10
CA GLU A 34 -7.70 -5.63 -0.43
C GLU A 34 -8.58 -6.31 0.58
N VAL A 35 -8.48 -5.92 1.81
CA VAL A 35 -9.29 -6.55 2.83
C VAL A 35 -10.62 -5.86 2.93
N GLU A 36 -10.60 -4.57 2.72
CA GLU A 36 -11.75 -3.73 2.78
C GLU A 36 -11.64 -2.78 1.63
N GLU A 37 -12.75 -2.28 1.15
CA GLU A 37 -12.71 -1.37 0.04
C GLU A 37 -12.17 -0.04 0.49
N GLY A 38 -11.02 0.29 -0.01
CA GLY A 38 -10.36 1.49 0.37
C GLY A 38 -9.13 1.22 1.20
N TRP A 39 -9.01 -0.02 1.67
CA TRP A 39 -7.88 -0.43 2.49
C TRP A 39 -7.21 -1.65 1.91
N TRP A 40 -6.06 -1.45 1.35
CA TRP A 40 -5.30 -2.52 0.78
C TRP A 40 -4.30 -3.05 1.78
N SER A 41 -4.10 -4.32 1.75
CA SER A 41 -3.17 -4.98 2.62
C SER A 41 -1.98 -5.38 1.76
N GLY A 42 -0.86 -4.79 2.04
CA GLY A 42 0.31 -5.03 1.27
C GLY A 42 1.53 -4.71 2.08
N THR A 43 2.65 -5.05 1.58
CA THR A 43 3.87 -4.80 2.29
C THR A 43 4.76 -3.88 1.48
N LEU A 44 5.44 -2.99 2.16
CA LEU A 44 6.37 -2.11 1.50
C LEU A 44 7.68 -2.86 1.37
N ASN A 45 8.19 -3.33 2.50
CA ASN A 45 9.41 -4.12 2.51
C ASN A 45 9.22 -5.36 3.34
N ASN A 46 8.92 -5.16 4.61
CA ASN A 46 8.81 -6.28 5.54
C ASN A 46 7.51 -6.27 6.33
N LYS A 47 6.88 -5.12 6.45
CA LYS A 47 5.70 -5.05 7.25
C LYS A 47 4.48 -5.04 6.38
N LEU A 48 3.69 -6.07 6.52
CA LEU A 48 2.42 -6.16 5.86
C LEU A 48 1.49 -5.20 6.57
N GLY A 49 1.16 -4.13 5.93
CA GLY A 49 0.37 -3.14 6.56
C GLY A 49 -0.86 -2.84 5.79
N LEU A 50 -1.69 -2.05 6.36
CA LEU A 50 -2.92 -1.66 5.75
C LEU A 50 -2.77 -0.22 5.33
N PHE A 51 -3.27 0.12 4.18
CA PHE A 51 -3.13 1.47 3.67
C PHE A 51 -4.31 1.83 2.77
N PRO A 52 -4.70 3.11 2.76
CA PRO A 52 -5.77 3.58 1.90
C PRO A 52 -5.33 3.61 0.44
N SER A 53 -6.14 3.02 -0.41
CA SER A 53 -5.87 2.87 -1.81
C SER A 53 -5.88 4.20 -2.57
N ASN A 54 -6.55 5.19 -2.00
CA ASN A 54 -6.69 6.52 -2.61
C ASN A 54 -5.31 7.18 -2.88
N PHE A 55 -4.34 6.90 -2.04
CA PHE A 55 -3.04 7.56 -2.15
C PHE A 55 -2.07 6.79 -3.04
N VAL A 56 -2.45 5.61 -3.45
CA VAL A 56 -1.57 4.78 -4.22
C VAL A 56 -2.14 4.49 -5.60
N LYS A 57 -1.31 4.57 -6.59
CA LYS A 57 -1.69 4.26 -7.94
C LYS A 57 -0.92 3.06 -8.44
N GLU A 58 -1.64 2.15 -9.00
CA GLU A 58 -1.11 0.89 -9.43
C GLU A 58 -0.42 1.04 -10.78
N LEU A 59 0.88 0.80 -10.81
CA LEU A 59 1.60 0.86 -12.05
C LEU A 59 1.35 -0.42 -12.81
N GLU A 60 0.92 -0.25 -14.01
CA GLU A 60 0.42 -1.32 -14.83
C GLU A 60 1.51 -1.97 -15.68
#